data_4Q22
#
_entry.id   4Q22
#
_cell.length_a   59.211
_cell.length_b   74.918
_cell.length_c   87.049
_cell.angle_alpha   90.00
_cell.angle_beta   90.00
_cell.angle_gamma   90.00
#
_symmetry.space_group_name_H-M   'P 2 21 21'
#
loop_
_entity.id
_entity.type
_entity.pdbx_description
1 polymer 'Glycoside hydrolase family 18'
2 non-polymer 2-acetamido-2-deoxy-beta-D-glucopyranose
3 non-polymer 'ACETATE ION'
4 non-polymer GLYCEROL
5 water water
#
_entity_poly.entity_id   1
_entity_poly.type   'polypeptide(L)'
_entity_poly.pdbx_seq_one_letter_code
;AHAASYLSVGYFNGGGDVTAGPGGDINKLDVTQITHLNYSFGLIYNDEKQETNPALKDPSRLHQIYLSPKV(OMT)ADLQ
LLPVLRKQNPELKVLLSVGGWGARGFSGAAATAESRAVFIRSVQQVIKQYHLDGIDLDWEYPVNGAWGLVESQPADRANF
TLLLAELHKALDKGKLLTIAVGANVKSPQEWVDVKGIAPYLDYINLMTYDMAYGTQYFNSNLYDSKQWPTVAAADRYSAN
FVVDNYLAAGLKPAQLNLGIGFYGRVPKRATEPGIDWDKADAAKNPVTQPYFTARETAVFKAMGLDLTKDSYFKYNDIVS
KLLNDPQRRFTAHWDSDAQVPYLTMKSAEGKPLFAISYENPRSVALKADYIKSKGLGGAMFWEYGADDNNRLAHQLAESL
GI
;
_entity_poly.pdbx_strand_id   A
#
# COMPACT_ATOMS: atom_id res chain seq x y z
N ALA A 1 1.31 -6.44 -34.18
CA ALA A 1 2.50 -5.74 -34.79
C ALA A 1 3.52 -5.19 -33.78
N HIS A 2 3.10 -4.94 -32.53
CA HIS A 2 3.99 -4.33 -31.51
C HIS A 2 3.75 -4.79 -30.05
N ALA A 3 4.70 -4.43 -29.17
CA ALA A 3 4.71 -4.85 -27.75
C ALA A 3 3.98 -3.85 -26.84
N ALA A 4 3.47 -4.34 -25.71
CA ALA A 4 2.86 -3.47 -24.68
C ALA A 4 3.96 -2.79 -23.86
N SER A 5 3.57 -1.81 -23.03
CA SER A 5 4.54 -1.03 -22.26
C SER A 5 3.98 -0.70 -20.86
N TYR A 6 4.52 -1.35 -19.84
CA TYR A 6 3.89 -1.38 -18.54
C TYR A 6 4.67 -0.47 -17.57
N LEU A 7 3.97 0.12 -16.61
CA LEU A 7 4.69 0.77 -15.52
C LEU A 7 5.15 -0.21 -14.44
N SER A 8 6.19 0.19 -13.71
CA SER A 8 6.46 -0.38 -12.47
C SER A 8 6.77 0.78 -11.52
N VAL A 9 5.80 1.06 -10.62
CA VAL A 9 5.83 2.24 -9.77
C VAL A 9 6.18 1.78 -8.33
N GLY A 10 7.41 2.08 -7.89
CA GLY A 10 7.87 1.70 -6.58
C GLY A 10 7.65 2.84 -5.59
N TYR A 11 6.76 2.65 -4.62
CA TYR A 11 6.81 3.42 -3.40
C TYR A 11 8.11 3.11 -2.66
N PHE A 12 8.67 4.15 -2.04
CA PHE A 12 9.79 4.03 -1.11
C PHE A 12 9.52 4.79 0.17
N ASN A 13 9.58 4.06 1.26
CA ASN A 13 9.34 4.64 2.63
C ASN A 13 10.66 5.27 3.09
N GLY A 14 10.87 6.54 2.70
CA GLY A 14 12.06 7.30 3.04
C GLY A 14 11.90 8.07 4.30
N GLY A 15 10.72 8.61 4.53
CA GLY A 15 10.49 9.44 5.71
C GLY A 15 10.02 8.76 6.98
N GLY A 16 9.60 7.48 6.92
CA GLY A 16 8.92 6.86 8.04
C GLY A 16 7.47 6.67 7.67
N ASP A 17 6.86 5.67 8.27
CA ASP A 17 5.47 5.28 7.93
C ASP A 17 4.96 4.78 9.26
N VAL A 18 3.67 4.98 9.49
CA VAL A 18 3.07 4.53 10.75
C VAL A 18 3.29 3.03 10.89
N THR A 19 2.79 2.25 9.92
CA THR A 19 2.80 0.79 10.05
C THR A 19 4.22 0.16 9.81
N ALA A 20 4.97 0.68 8.83
CA ALA A 20 6.24 0.11 8.38
C ALA A 20 7.50 0.64 9.10
N GLY A 21 7.30 1.60 10.03
CA GLY A 21 8.39 2.18 10.83
C GLY A 21 9.35 3.15 10.12
N PRO A 22 10.57 3.36 10.69
CA PRO A 22 11.51 4.38 10.17
C PRO A 22 11.96 4.18 8.70
N GLY A 23 12.35 5.31 8.09
CA GLY A 23 12.57 5.31 6.69
C GLY A 23 13.83 4.59 6.36
N GLY A 24 13.87 4.10 5.14
CA GLY A 24 15.03 3.41 4.61
C GLY A 24 16.14 4.33 4.08
N ASP A 25 17.15 3.66 3.61
CA ASP A 25 18.25 4.27 2.98
C ASP A 25 17.98 4.35 1.49
N ILE A 26 17.83 5.56 1.01
CA ILE A 26 17.53 5.79 -0.38
C ILE A 26 18.70 5.32 -1.27
N ASN A 27 19.91 5.30 -0.72
CA ASN A 27 21.06 4.94 -1.53
C ASN A 27 21.10 3.45 -1.91
N LYS A 28 20.33 2.61 -1.25
CA LYS A 28 20.32 1.17 -1.51
C LYS A 28 19.43 0.77 -2.71
N LEU A 29 18.59 1.68 -3.19
CA LEU A 29 17.60 1.39 -4.27
C LEU A 29 18.30 1.27 -5.61
N ASP A 30 17.92 0.30 -6.41
CA ASP A 30 18.33 0.27 -7.75
C ASP A 30 17.17 0.86 -8.59
N VAL A 31 17.33 2.14 -8.95
CA VAL A 31 16.27 2.84 -9.67
C VAL A 31 16.25 2.50 -11.16
N THR A 32 17.14 1.64 -11.67
CA THR A 32 17.02 1.21 -13.04
C THR A 32 15.92 0.19 -13.20
N GLN A 33 15.41 -0.37 -12.10
CA GLN A 33 14.43 -1.46 -12.18
C GLN A 33 12.97 -0.99 -12.24
N ILE A 34 12.76 0.31 -12.03
CA ILE A 34 11.43 0.89 -11.96
C ILE A 34 11.27 1.99 -13.01
N THR A 35 10.02 2.25 -13.34
CA THR A 35 9.69 3.36 -14.21
C THR A 35 9.45 4.62 -13.41
N HIS A 36 8.90 4.44 -12.20
CA HIS A 36 8.45 5.57 -11.38
C HIS A 36 8.80 5.25 -9.94
N LEU A 37 9.26 6.30 -9.26
CA LEU A 37 9.53 6.29 -7.86
C LEU A 37 8.61 7.22 -7.13
N ASN A 38 7.85 6.68 -6.17
CA ASN A 38 6.99 7.51 -5.31
C ASN A 38 7.70 7.61 -3.97
N TYR A 39 8.41 8.69 -3.80
CA TYR A 39 9.05 8.96 -2.55
C TYR A 39 8.01 9.28 -1.50
N SER A 40 8.02 8.52 -0.40
CA SER A 40 6.98 8.58 0.65
C SER A 40 7.61 8.91 2.03
N PHE A 41 7.03 9.84 2.80
CA PHE A 41 5.83 10.61 2.49
C PHE A 41 5.94 12.10 2.85
N GLY A 42 5.31 12.93 2.06
CA GLY A 42 4.98 14.25 2.52
C GLY A 42 3.78 14.09 3.44
N LEU A 43 3.70 14.92 4.47
CA LEU A 43 2.57 14.91 5.39
C LEU A 43 1.84 16.24 5.21
N ILE A 44 0.74 16.44 5.94
CA ILE A 44 -0.10 17.62 5.73
C ILE A 44 -0.25 18.33 7.09
N TYR A 45 0.17 19.56 7.14
CA TYR A 45 -0.10 20.38 8.34
C TYR A 45 -1.61 20.48 8.52
N ASN A 46 -2.07 20.22 9.75
CA ASN A 46 -3.49 20.05 9.94
C ASN A 46 -3.93 20.49 11.32
N ASP A 47 -5.22 20.73 11.39
CA ASP A 47 -5.88 21.14 12.64
C ASP A 47 -6.74 20.04 13.25
N GLU A 48 -6.43 18.77 12.93
CA GLU A 48 -7.11 17.67 13.59
C GLU A 48 -6.70 17.56 15.05
N LYS A 49 -7.71 17.54 15.95
CA LYS A 49 -7.43 17.60 17.36
C LYS A 49 -6.64 16.44 17.87
N GLN A 50 -6.69 15.31 17.18
CA GLN A 50 -6.00 14.10 17.65
C GLN A 50 -4.59 13.94 17.05
N GLU A 51 -4.14 14.92 16.30
CA GLU A 51 -2.80 14.87 15.70
C GLU A 51 -1.77 14.88 16.76
N THR A 52 -0.92 13.87 16.80
CA THR A 52 0.08 13.81 17.83
C THR A 52 1.49 14.21 17.35
N ASN A 53 1.65 14.53 16.06
CA ASN A 53 2.89 15.07 15.57
C ASN A 53 2.86 16.61 15.69
N PRO A 54 3.54 17.18 16.67
CA PRO A 54 3.47 18.61 16.95
C PRO A 54 3.88 19.53 15.79
N ALA A 55 4.78 19.09 14.92
CA ALA A 55 5.15 19.86 13.76
C ALA A 55 3.96 20.13 12.88
N LEU A 56 3.11 19.12 12.67
CA LEU A 56 1.97 19.27 11.75
C LEU A 56 0.88 20.19 12.30
N LYS A 57 0.98 20.53 13.59
CA LYS A 57 0.00 21.37 14.26
C LYS A 57 0.30 22.83 14.21
N ASP A 58 1.31 23.19 13.43
CA ASP A 58 1.67 24.58 13.23
C ASP A 58 0.57 25.33 12.45
N PRO A 59 -0.14 26.29 13.09
CA PRO A 59 -1.35 26.84 12.48
C PRO A 59 -1.04 27.78 11.31
N SER A 60 0.19 28.29 11.25
CA SER A 60 0.59 29.18 10.17
C SER A 60 0.82 28.45 8.87
N ARG A 61 0.82 27.14 8.91
CA ARG A 61 1.06 26.33 7.71
C ARG A 61 -0.07 25.36 7.41
N LEU A 62 -1.21 25.54 8.09
CA LEU A 62 -2.40 24.74 7.91
C LEU A 62 -2.63 24.45 6.41
N HIS A 63 -2.75 23.18 6.11
CA HIS A 63 -3.18 22.65 4.80
C HIS A 63 -1.99 22.58 3.84
N GLN A 64 -0.83 22.98 4.29
CA GLN A 64 0.31 22.84 3.48
C GLN A 64 0.97 21.47 3.64
N ILE A 65 1.87 21.16 2.75
CA ILE A 65 2.66 19.94 2.89
C ILE A 65 3.92 20.14 3.80
N TYR A 66 4.12 19.17 4.68
CA TYR A 66 5.28 19.11 5.55
C TYR A 66 6.29 18.03 5.05
N LEU A 67 7.53 18.48 4.89
CA LEU A 67 8.62 17.60 4.56
C LEU A 67 9.63 17.57 5.74
N SER A 68 9.85 16.39 6.29
CA SER A 68 10.77 16.29 7.39
C SER A 68 12.21 16.57 6.87
N PRO A 69 13.16 16.72 7.79
CA PRO A 69 14.52 16.84 7.42
C PRO A 69 15.06 15.69 6.55
N LYS A 70 14.70 14.45 6.89
CA LYS A 70 15.14 13.35 6.06
C LYS A 70 14.58 13.37 4.62
N VAL A 71 13.31 13.71 4.51
CA VAL A 71 12.67 13.86 3.25
C VAL A 71 13.38 14.94 2.41
N ALA A 73 16.41 15.96 2.70
CA ALA A 73 17.79 15.44 2.41
C ALA A 73 17.77 14.39 1.29
N ASP A 74 16.83 13.45 1.40
CA ASP A 74 16.66 12.43 0.39
C ASP A 74 16.33 13.04 -0.97
N LEU A 75 15.42 13.99 -1.00
CA LEU A 75 15.04 14.59 -2.29
C LEU A 75 16.23 15.34 -2.94
N GLN A 76 17.23 15.78 -2.14
CA GLN A 76 18.42 16.41 -2.75
C GLN A 76 19.20 15.45 -3.60
N LEU A 77 18.98 14.17 -3.42
CA LEU A 77 19.65 13.17 -4.19
C LEU A 77 19.05 12.89 -5.57
N LEU A 78 17.90 13.49 -5.87
CA LEU A 78 17.30 13.13 -7.14
C LEU A 78 18.25 13.27 -8.37
N PRO A 79 19.08 14.32 -8.46
CA PRO A 79 19.99 14.39 -9.61
C PRO A 79 20.85 13.12 -9.76
N VAL A 80 21.30 12.56 -8.68
CA VAL A 80 22.08 11.32 -8.77
C VAL A 80 21.19 10.14 -9.24
N LEU A 81 19.98 10.02 -8.69
CA LEU A 81 19.08 8.96 -9.17
C LEU A 81 18.71 9.13 -10.62
N ARG A 82 18.58 10.37 -11.07
CA ARG A 82 18.24 10.60 -12.48
C ARG A 82 19.38 10.31 -13.47
N LYS A 83 20.60 10.62 -13.05
CA LYS A 83 21.73 10.15 -13.83
C LYS A 83 21.75 8.61 -13.90
N GLN A 84 21.42 7.94 -12.81
CA GLN A 84 21.47 6.48 -12.79
C GLN A 84 20.43 5.94 -13.77
N ASN A 85 19.22 6.55 -13.76
CA ASN A 85 18.19 6.19 -14.70
C ASN A 85 17.48 7.38 -15.33
N PRO A 86 17.94 7.85 -16.48
CA PRO A 86 17.39 9.06 -17.12
C PRO A 86 15.96 8.88 -17.57
N GLU A 87 15.45 7.67 -17.57
CA GLU A 87 13.99 7.46 -17.84
C GLU A 87 13.15 7.63 -16.59
N LEU A 88 13.75 7.49 -15.42
CA LEU A 88 13.00 7.48 -14.17
C LEU A 88 12.13 8.74 -13.99
N LYS A 89 10.90 8.55 -13.51
CA LYS A 89 10.04 9.63 -13.08
C LYS A 89 9.96 9.57 -11.61
N VAL A 90 9.98 10.71 -10.94
CA VAL A 90 9.94 10.74 -9.48
C VAL A 90 8.80 11.62 -9.02
N LEU A 91 7.94 11.04 -8.22
CA LEU A 91 6.88 11.77 -7.57
C LEU A 91 7.09 11.77 -6.07
N LEU A 92 6.50 12.76 -5.39
CA LEU A 92 6.35 12.73 -3.94
C LEU A 92 4.96 12.21 -3.67
N SER A 93 4.86 11.24 -2.77
CA SER A 93 3.57 10.76 -2.26
C SER A 93 3.27 11.47 -0.94
N VAL A 94 2.10 12.10 -0.91
CA VAL A 94 1.59 12.78 0.27
C VAL A 94 0.53 11.92 0.91
N GLY A 95 0.69 11.65 2.18
CA GLY A 95 -0.28 10.95 2.93
C GLY A 95 0.29 9.70 3.54
N GLY A 96 -0.42 8.61 3.28
CA GLY A 96 -0.10 7.31 3.83
C GLY A 96 -1.01 6.94 4.97
N TRP A 97 -0.88 5.68 5.40
CA TRP A 97 -1.65 5.20 6.50
C TRP A 97 -1.47 6.04 7.75
N GLY A 98 -2.58 6.52 8.25
CA GLY A 98 -2.65 7.31 9.45
C GLY A 98 -2.41 8.77 9.26
N ALA A 99 -2.09 9.22 8.01
CA ALA A 99 -1.73 10.60 7.80
C ALA A 99 -3.00 11.44 7.79
N ARG A 100 -3.02 12.41 8.69
CA ARG A 100 -4.11 13.36 8.81
C ARG A 100 -4.02 14.47 7.78
N GLY A 101 -5.09 15.26 7.71
CA GLY A 101 -5.11 16.55 7.09
C GLY A 101 -5.85 16.56 5.72
N PHE A 102 -6.07 15.40 5.12
CA PHE A 102 -6.71 15.48 3.79
C PHE A 102 -8.16 16.04 3.82
N SER A 103 -8.94 15.54 4.79
CA SER A 103 -10.34 15.94 4.86
C SER A 103 -10.49 17.45 5.00
N GLY A 104 -9.71 18.08 5.86
CA GLY A 104 -9.75 19.55 5.97
C GLY A 104 -9.10 20.30 4.79
N ALA A 105 -8.04 19.73 4.25
CA ALA A 105 -7.39 20.34 3.09
C ALA A 105 -8.35 20.39 1.93
N ALA A 106 -9.16 19.32 1.79
CA ALA A 106 -10.11 19.19 0.69
C ALA A 106 -11.43 20.00 0.80
N ALA A 107 -11.68 20.51 1.99
CA ALA A 107 -13.02 20.90 2.41
C ALA A 107 -13.54 22.20 1.83
N THR A 108 -12.69 23.20 1.60
CA THR A 108 -13.15 24.50 1.02
C THR A 108 -12.33 24.92 -0.17
N ALA A 109 -12.85 25.89 -0.88
CA ALA A 109 -12.10 26.49 -1.99
C ALA A 109 -10.75 27.02 -1.48
N GLU A 110 -10.78 27.60 -0.30
CA GLU A 110 -9.61 28.32 0.22
C GLU A 110 -8.58 27.26 0.70
N SER A 111 -9.05 26.24 1.42
CA SER A 111 -8.15 25.18 1.88
C SER A 111 -7.51 24.41 0.66
N ARG A 112 -8.33 24.12 -0.35
CA ARG A 112 -7.86 23.40 -1.51
C ARG A 112 -6.75 24.20 -2.20
N ALA A 113 -6.94 25.52 -2.24
CA ALA A 113 -6.01 26.39 -2.92
C ALA A 113 -4.67 26.49 -2.21
N VAL A 114 -4.68 26.41 -0.87
CA VAL A 114 -3.43 26.46 -0.07
C VAL A 114 -2.67 25.16 -0.34
N PHE A 115 -3.40 24.06 -0.26
CA PHE A 115 -2.80 22.75 -0.47
C PHE A 115 -2.15 22.68 -1.86
N ILE A 116 -2.89 23.13 -2.87
CA ILE A 116 -2.41 23.08 -4.23
C ILE A 116 -1.23 23.97 -4.48
N ARG A 117 -1.24 25.18 -3.86
CA ARG A 117 -0.05 26.02 -3.91
C ARG A 117 1.16 25.37 -3.28
N SER A 118 0.95 24.64 -2.19
CA SER A 118 2.06 23.94 -1.50
C SER A 118 2.55 22.79 -2.36
N VAL A 119 1.64 22.04 -2.95
CA VAL A 119 2.04 21.02 -3.94
C VAL A 119 2.89 21.67 -5.07
N GLN A 120 2.43 22.81 -5.64
CA GLN A 120 3.20 23.44 -6.72
C GLN A 120 4.60 23.87 -6.23
N GLN A 121 4.62 24.39 -5.03
CA GLN A 121 5.89 24.86 -4.44
C GLN A 121 6.85 23.72 -4.25
N VAL A 122 6.35 22.57 -3.81
CA VAL A 122 7.23 21.47 -3.50
C VAL A 122 7.75 20.87 -4.81
N ILE A 123 6.88 20.75 -5.79
CA ILE A 123 7.25 20.27 -7.14
C ILE A 123 8.38 21.10 -7.77
N LYS A 124 8.31 22.40 -7.67
CA LYS A 124 9.29 23.31 -8.19
C LYS A 124 10.56 23.31 -7.38
N GLN A 125 10.47 23.33 -6.06
CA GLN A 125 11.69 23.39 -5.24
C GLN A 125 12.51 22.11 -5.34
N TYR A 126 11.86 20.94 -5.42
CA TYR A 126 12.58 19.65 -5.46
C TYR A 126 12.63 19.01 -6.85
N HIS A 127 12.03 19.68 -7.82
CA HIS A 127 11.96 19.25 -9.18
C HIS A 127 11.40 17.86 -9.34
N LEU A 128 10.14 17.73 -8.94
CA LEU A 128 9.45 16.49 -9.02
C LEU A 128 8.74 16.39 -10.37
N ASP A 129 8.57 15.16 -10.84
CA ASP A 129 7.72 14.85 -12.00
C ASP A 129 6.23 14.86 -11.68
N GLY A 130 5.88 14.85 -10.40
CA GLY A 130 4.46 14.89 -10.07
C GLY A 130 4.18 14.57 -8.64
N ILE A 131 2.91 14.31 -8.37
CA ILE A 131 2.46 14.14 -6.98
C ILE A 131 1.50 12.97 -6.95
N ASP A 132 1.64 12.15 -5.89
CA ASP A 132 0.77 11.03 -5.67
C ASP A 132 0.04 11.33 -4.34
N LEU A 133 -1.29 11.28 -4.31
CA LEU A 133 -2.03 11.45 -3.05
C LEU A 133 -2.50 10.12 -2.54
N ASP A 134 -2.15 9.88 -1.30
CA ASP A 134 -2.42 8.63 -0.65
C ASP A 134 -3.27 8.88 0.59
N TRP A 135 -4.55 9.09 0.36
CA TRP A 135 -5.51 9.44 1.37
C TRP A 135 -6.24 8.26 1.86
N GLU A 136 -5.96 7.89 3.09
CA GLU A 136 -6.51 6.69 3.61
C GLU A 136 -7.46 6.99 4.81
N TYR A 137 -8.75 7.19 4.57
CA TYR A 137 -9.47 7.20 3.30
C TYR A 137 -10.51 8.30 3.36
N PRO A 138 -10.88 8.85 2.19
CA PRO A 138 -12.01 9.77 2.12
C PRO A 138 -13.26 9.08 2.65
N VAL A 139 -14.08 9.84 3.38
CA VAL A 139 -15.37 9.40 3.91
C VAL A 139 -15.23 8.49 5.13
N ASN A 140 -14.48 7.43 4.98
CA ASN A 140 -14.33 6.43 6.03
C ASN A 140 -13.23 6.78 7.06
N GLY A 141 -12.17 7.46 6.63
CA GLY A 141 -11.10 7.88 7.57
C GLY A 141 -10.33 6.71 8.21
N ALA A 142 -10.31 5.58 7.49
CA ALA A 142 -9.81 4.33 8.01
C ALA A 142 -10.45 3.99 9.36
N TRP A 143 -11.76 4.07 9.39
CA TRP A 143 -12.53 3.72 10.59
C TRP A 143 -12.09 4.57 11.74
N GLY A 144 -11.99 5.88 11.52
CA GLY A 144 -11.65 6.79 12.60
C GLY A 144 -10.21 6.97 12.91
N LEU A 145 -9.28 6.45 12.11
CA LEU A 145 -7.87 6.74 12.35
C LEU A 145 -7.50 8.22 12.01
N VAL A 146 -8.15 8.80 11.02
CA VAL A 146 -7.98 10.19 10.63
C VAL A 146 -9.39 10.77 10.51
N GLU A 147 -9.49 12.10 10.53
CA GLU A 147 -10.79 12.75 10.41
C GLU A 147 -11.40 12.54 9.05
N SER A 148 -12.71 12.43 9.03
CA SER A 148 -13.39 12.24 7.77
C SER A 148 -14.81 12.79 7.81
N GLN A 149 -15.43 12.82 6.66
CA GLN A 149 -16.82 13.32 6.55
C GLN A 149 -17.35 12.89 5.19
N PRO A 150 -18.68 12.82 5.06
CA PRO A 150 -19.24 12.29 3.83
C PRO A 150 -18.98 13.24 2.69
N ALA A 151 -18.78 14.52 2.98
CA ALA A 151 -18.40 15.46 1.87
C ALA A 151 -16.98 15.13 1.28
N ASP A 152 -16.27 14.19 1.89
CA ASP A 152 -14.94 13.86 1.41
C ASP A 152 -14.96 13.36 -0.04
N ARG A 153 -15.98 12.60 -0.41
CA ARG A 153 -16.02 12.01 -1.75
C ARG A 153 -16.00 13.09 -2.81
N ALA A 154 -16.94 14.02 -2.69
CA ALA A 154 -17.08 15.10 -3.64
C ALA A 154 -15.92 16.10 -3.53
N ASN A 155 -15.43 16.33 -2.33
CA ASN A 155 -14.35 17.25 -2.12
C ASN A 155 -13.02 16.74 -2.76
N PHE A 156 -12.84 15.43 -2.74
CA PHE A 156 -11.67 14.79 -3.32
C PHE A 156 -11.64 14.98 -4.79
N THR A 157 -12.80 14.80 -5.38
CA THR A 157 -12.97 14.99 -6.78
C THR A 157 -12.66 16.41 -7.14
N LEU A 158 -13.20 17.36 -6.42
CA LEU A 158 -12.86 18.78 -6.64
C LEU A 158 -11.38 19.11 -6.44
N LEU A 159 -10.78 18.55 -5.38
CA LEU A 159 -9.36 18.75 -5.17
C LEU A 159 -8.56 18.28 -6.39
N LEU A 160 -8.87 17.06 -6.83
CA LEU A 160 -8.17 16.47 -7.94
C LEU A 160 -8.36 17.24 -9.24
N ALA A 161 -9.57 17.77 -9.47
CA ALA A 161 -9.83 18.60 -10.66
C ALA A 161 -9.01 19.90 -10.62
N GLU A 162 -8.97 20.54 -9.44
CA GLU A 162 -8.30 21.78 -9.28
C GLU A 162 -6.81 21.56 -9.36
N LEU A 163 -6.37 20.47 -8.79
CA LEU A 163 -4.97 20.14 -8.81
C LEU A 163 -4.52 19.86 -10.24
N HIS A 164 -5.32 19.14 -11.01
CA HIS A 164 -5.00 18.85 -12.37
C HIS A 164 -4.93 20.16 -13.20
N LYS A 165 -5.87 21.06 -12.98
CA LYS A 165 -5.82 22.40 -13.59
C LYS A 165 -4.52 23.18 -13.23
N ALA A 166 -4.16 23.21 -11.97
CA ALA A 166 -2.99 23.97 -11.55
C ALA A 166 -1.62 23.38 -12.01
N LEU A 167 -1.56 22.09 -12.18
CA LEU A 167 -0.29 21.42 -12.39
C LEU A 167 0.19 21.76 -13.81
N ASP A 168 1.51 21.98 -13.95
CA ASP A 168 2.08 22.19 -15.25
C ASP A 168 1.70 21.01 -16.17
N LYS A 169 1.50 21.28 -17.47
CA LYS A 169 1.38 20.21 -18.51
C LYS A 169 2.58 19.34 -18.39
N GLY A 170 2.35 18.04 -18.49
CA GLY A 170 3.46 17.07 -18.31
C GLY A 170 3.64 16.50 -16.92
N LYS A 171 3.24 17.25 -15.87
CA LYS A 171 3.37 16.72 -14.49
C LYS A 171 2.35 15.62 -14.26
N LEU A 172 2.74 14.62 -13.46
CA LEU A 172 1.89 13.50 -13.16
C LEU A 172 1.04 13.72 -11.87
N LEU A 173 -0.22 13.29 -11.95
CA LEU A 173 -1.10 13.25 -10.81
C LEU A 173 -1.69 11.87 -10.71
N THR A 174 -1.46 11.24 -9.55
CA THR A 174 -1.84 9.85 -9.27
C THR A 174 -2.38 9.79 -7.83
N ILE A 175 -3.05 8.70 -7.55
CA ILE A 175 -3.52 8.44 -6.21
C ILE A 175 -3.41 6.99 -5.93
N ALA A 176 -3.38 6.68 -4.65
CA ALA A 176 -3.52 5.28 -4.21
C ALA A 176 -4.94 5.13 -3.66
N VAL A 177 -5.50 3.94 -3.86
CA VAL A 177 -6.88 3.65 -3.45
C VAL A 177 -6.93 2.34 -2.74
N GLY A 178 -7.85 2.22 -1.78
CA GLY A 178 -7.89 1.02 -0.98
C GLY A 178 -8.48 -0.24 -1.60
N ALA A 179 -8.22 -1.35 -0.94
CA ALA A 179 -8.74 -2.66 -1.35
C ALA A 179 -10.25 -2.79 -1.11
N ASN A 180 -10.77 -2.14 -0.07
CA ASN A 180 -12.11 -2.37 0.45
C ASN A 180 -13.11 -2.06 -0.60
N VAL A 181 -14.07 -2.95 -0.79
CA VAL A 181 -15.15 -2.74 -1.78
C VAL A 181 -15.93 -1.41 -1.60
N LYS A 182 -15.92 -0.82 -0.40
CA LYS A 182 -16.61 0.44 -0.19
C LYS A 182 -15.81 1.61 -0.77
N SER A 183 -14.50 1.41 -1.03
CA SER A 183 -13.71 2.50 -1.64
C SER A 183 -14.34 2.97 -2.98
N PRO A 184 -14.41 2.09 -4.01
CA PRO A 184 -15.07 2.52 -5.23
C PRO A 184 -16.62 2.72 -5.10
N GLN A 185 -17.27 1.94 -4.22
CA GLN A 185 -18.69 2.07 -4.04
C GLN A 185 -19.09 3.36 -3.35
N GLU A 186 -18.43 3.69 -2.28
CA GLU A 186 -18.91 4.76 -1.47
C GLU A 186 -17.93 5.92 -1.19
N TRP A 187 -16.65 5.64 -1.14
CA TRP A 187 -15.69 6.65 -0.60
C TRP A 187 -15.13 7.55 -1.65
N VAL A 188 -14.94 6.99 -2.86
CA VAL A 188 -14.22 7.67 -3.90
C VAL A 188 -15.02 7.52 -5.20
N ASP A 189 -15.22 8.62 -5.91
CA ASP A 189 -15.93 8.63 -7.16
C ASP A 189 -14.93 8.37 -8.24
N VAL A 190 -14.65 7.09 -8.48
CA VAL A 190 -13.54 6.72 -9.35
C VAL A 190 -13.77 7.08 -10.78
N LYS A 191 -15.00 6.96 -11.26
CA LYS A 191 -15.31 7.44 -12.61
C LYS A 191 -15.14 8.92 -12.75
N GLY A 192 -15.59 9.66 -11.74
CA GLY A 192 -15.46 11.13 -11.78
C GLY A 192 -14.05 11.65 -11.76
N ILE A 193 -13.18 10.99 -11.02
CA ILE A 193 -11.80 11.43 -10.89
C ILE A 193 -10.90 10.91 -11.99
N ALA A 194 -11.32 9.87 -12.69
CA ALA A 194 -10.48 9.21 -13.69
C ALA A 194 -9.85 10.16 -14.70
N PRO A 195 -10.60 11.12 -15.25
CA PRO A 195 -9.99 12.01 -16.24
C PRO A 195 -8.88 12.94 -15.72
N TYR A 196 -8.73 13.11 -14.43
CA TYR A 196 -7.69 14.01 -13.88
C TYR A 196 -6.38 13.26 -13.57
N LEU A 197 -6.38 11.93 -13.67
CA LEU A 197 -5.27 11.09 -13.13
C LEU A 197 -4.56 10.31 -14.20
N ASP A 198 -3.24 10.28 -14.11
CA ASP A 198 -2.45 9.60 -15.11
C ASP A 198 -2.58 8.13 -14.93
N TYR A 199 -2.56 7.71 -13.66
CA TYR A 199 -2.89 6.34 -13.32
C TYR A 199 -3.33 6.27 -11.87
N ILE A 200 -3.82 5.10 -11.50
CA ILE A 200 -4.37 4.84 -10.17
C ILE A 200 -3.64 3.61 -9.61
N ASN A 201 -3.13 3.78 -8.38
CA ASN A 201 -2.37 2.75 -7.70
C ASN A 201 -3.26 1.96 -6.74
N LEU A 202 -3.53 0.70 -7.08
CA LEU A 202 -4.45 -0.15 -6.28
C LEU A 202 -3.69 -0.83 -5.17
N MET A 203 -4.10 -0.56 -3.95
CA MET A 203 -3.47 -1.18 -2.79
CA MET A 203 -3.49 -1.12 -2.80
C MET A 203 -4.05 -2.56 -2.53
N THR A 204 -3.71 -3.48 -3.41
CA THR A 204 -4.17 -4.84 -3.42
C THR A 204 -3.34 -5.73 -2.47
N TYR A 205 -3.37 -5.37 -1.21
CA TYR A 205 -2.60 -6.04 -0.16
C TYR A 205 -3.21 -5.55 1.17
N ASP A 206 -2.57 -5.87 2.28
CA ASP A 206 -3.18 -5.70 3.62
C ASP A 206 -4.53 -6.42 3.78
N MET A 207 -4.55 -7.66 3.32
CA MET A 207 -5.72 -8.48 3.40
C MET A 207 -5.72 -9.49 4.52
N ALA A 208 -4.60 -9.55 5.25
CA ALA A 208 -4.43 -10.55 6.30
C ALA A 208 -5.05 -10.10 7.63
N TYR A 209 -6.34 -9.79 7.58
CA TYR A 209 -7.12 -9.29 8.73
C TYR A 209 -8.36 -10.15 8.94
N GLY A 210 -8.98 -9.99 10.11
CA GLY A 210 -10.18 -10.76 10.41
C GLY A 210 -9.99 -12.25 10.24
N THR A 211 -10.82 -12.84 9.39
CA THR A 211 -10.79 -14.24 9.23
C THR A 211 -9.99 -14.74 8.01
N GLN A 212 -9.26 -13.84 7.38
CA GLN A 212 -8.43 -14.15 6.20
C GLN A 212 -6.94 -14.41 6.57
N TYR A 213 -6.38 -15.48 6.03
CA TYR A 213 -4.99 -15.84 6.27
C TYR A 213 -4.07 -15.02 5.41
N PHE A 214 -4.38 -14.86 4.13
CA PHE A 214 -3.45 -14.25 3.15
C PHE A 214 -3.51 -12.74 3.07
N ASN A 215 -2.30 -12.17 2.92
CA ASN A 215 -2.15 -10.75 2.83
C ASN A 215 -2.32 -10.13 1.44
N SER A 216 -1.97 -10.85 0.40
CA SER A 216 -1.96 -10.34 -0.95
C SER A 216 -2.14 -11.46 -1.98
N ASN A 217 -2.92 -12.46 -1.62
CA ASN A 217 -3.31 -13.51 -2.59
C ASN A 217 -3.94 -12.88 -3.87
N LEU A 218 -3.59 -13.44 -5.01
CA LEU A 218 -4.15 -13.04 -6.27
C LEU A 218 -5.61 -13.49 -6.38
N TYR A 219 -5.87 -14.76 -6.06
CA TYR A 219 -7.22 -15.34 -6.07
C TYR A 219 -7.44 -15.94 -4.70
N ASP A 220 -8.68 -16.29 -4.36
CA ASP A 220 -8.91 -16.86 -3.03
C ASP A 220 -8.17 -18.19 -2.84
N SER A 221 -7.63 -18.42 -1.64
CA SER A 221 -7.15 -19.76 -1.30
C SER A 221 -8.35 -20.66 -1.08
N LYS A 222 -8.22 -21.95 -1.41
CA LYS A 222 -9.17 -22.99 -0.97
C LYS A 222 -8.67 -23.87 0.19
N GLN A 223 -7.36 -24.02 0.27
CA GLN A 223 -6.71 -24.84 1.32
C GLN A 223 -6.79 -24.10 2.61
N TRP A 224 -6.71 -22.77 2.53
CA TRP A 224 -6.71 -21.91 3.73
C TRP A 224 -7.78 -20.82 3.54
N PRO A 225 -9.10 -21.20 3.57
CA PRO A 225 -10.14 -20.29 3.13
C PRO A 225 -10.44 -19.20 4.18
N THR A 226 -10.76 -18.02 3.71
CA THR A 226 -11.33 -16.99 4.53
C THR A 226 -12.76 -17.38 4.88
N VAL A 227 -13.17 -17.10 6.10
CA VAL A 227 -14.40 -17.67 6.65
C VAL A 227 -15.54 -16.67 6.60
N ALA A 228 -15.30 -15.45 7.04
CA ALA A 228 -16.35 -14.43 7.00
C ALA A 228 -16.36 -13.72 5.63
N ALA A 229 -17.54 -13.60 5.04
CA ALA A 229 -17.66 -13.03 3.70
C ALA A 229 -17.06 -11.66 3.59
N ALA A 230 -17.24 -10.86 4.60
CA ALA A 230 -16.75 -9.48 4.53
C ALA A 230 -15.25 -9.37 4.52
N ASP A 231 -14.55 -10.42 4.96
CA ASP A 231 -13.08 -10.44 4.95
C ASP A 231 -12.55 -11.13 3.70
N ARG A 232 -13.43 -11.65 2.82
CA ARG A 232 -12.95 -12.47 1.70
C ARG A 232 -12.48 -11.57 0.57
N TYR A 233 -11.16 -11.43 0.48
CA TYR A 233 -10.52 -10.55 -0.51
C TYR A 233 -9.45 -11.28 -1.26
N SER A 234 -9.22 -10.82 -2.46
CA SER A 234 -8.07 -11.20 -3.23
C SER A 234 -7.73 -10.02 -4.14
N ALA A 235 -6.50 -10.01 -4.69
CA ALA A 235 -6.09 -8.89 -5.58
C ALA A 235 -7.07 -8.84 -6.76
N ASN A 236 -7.42 -10.00 -7.29
CA ASN A 236 -8.30 -10.08 -8.47
C ASN A 236 -9.70 -9.53 -8.19
N PHE A 237 -10.23 -9.88 -7.02
CA PHE A 237 -11.57 -9.43 -6.52
C PHE A 237 -11.60 -7.92 -6.51
N VAL A 238 -10.53 -7.33 -5.96
CA VAL A 238 -10.40 -5.89 -5.83
C VAL A 238 -10.39 -5.27 -7.21
N VAL A 239 -9.54 -5.78 -8.10
CA VAL A 239 -9.46 -5.26 -9.45
C VAL A 239 -10.83 -5.30 -10.11
N ASP A 240 -11.55 -6.39 -9.93
CA ASP A 240 -12.85 -6.57 -10.57
C ASP A 240 -13.84 -5.57 -10.01
N ASN A 241 -13.72 -5.25 -8.73
CA ASN A 241 -14.61 -4.34 -8.09
CA ASN A 241 -14.60 -4.25 -8.07
C ASN A 241 -14.36 -2.92 -8.63
N TYR A 242 -13.10 -2.60 -8.92
CA TYR A 242 -12.80 -1.29 -9.54
C TYR A 242 -13.24 -1.23 -11.02
N LEU A 243 -13.01 -2.31 -11.77
CA LEU A 243 -13.55 -2.44 -13.08
C LEU A 243 -15.13 -2.32 -13.13
N ALA A 244 -15.84 -2.96 -12.21
CA ALA A 244 -17.30 -2.87 -12.17
C ALA A 244 -17.71 -1.44 -11.94
N ALA A 245 -16.83 -0.64 -11.33
CA ALA A 245 -17.18 0.73 -10.96
C ALA A 245 -16.94 1.69 -12.13
N GLY A 246 -16.43 1.19 -13.25
CA GLY A 246 -16.25 2.00 -14.44
C GLY A 246 -14.84 2.45 -14.80
N LEU A 247 -13.81 2.00 -14.11
CA LEU A 247 -12.44 2.29 -14.52
C LEU A 247 -11.94 1.35 -15.63
N LYS A 248 -11.12 1.88 -16.53
CA LYS A 248 -10.52 1.09 -17.57
C LYS A 248 -9.25 0.43 -16.97
N PRO A 249 -9.04 -0.84 -17.28
CA PRO A 249 -7.88 -1.48 -16.70
C PRO A 249 -6.53 -0.84 -17.03
N ALA A 250 -6.37 -0.23 -18.21
CA ALA A 250 -5.07 0.35 -18.56
C ALA A 250 -4.69 1.54 -17.64
N GLN A 251 -5.68 2.13 -16.94
CA GLN A 251 -5.37 3.25 -16.03
C GLN A 251 -4.90 2.75 -14.69
N LEU A 252 -5.01 1.44 -14.44
CA LEU A 252 -4.74 0.90 -13.12
C LEU A 252 -3.36 0.24 -13.04
N ASN A 253 -2.68 0.45 -11.91
CA ASN A 253 -1.56 -0.42 -11.47
C ASN A 253 -1.92 -1.32 -10.32
N LEU A 254 -1.55 -2.59 -10.47
CA LEU A 254 -1.77 -3.58 -9.49
C LEU A 254 -0.70 -3.46 -8.39
N GLY A 255 -1.14 -3.15 -7.17
CA GLY A 255 -0.19 -2.97 -6.08
C GLY A 255 0.32 -4.33 -5.62
N ILE A 256 1.62 -4.42 -5.36
CA ILE A 256 2.31 -5.65 -4.99
C ILE A 256 3.06 -5.35 -3.70
N GLY A 257 2.88 -6.25 -2.73
CA GLY A 257 3.54 -6.08 -1.42
C GLY A 257 4.88 -6.77 -1.32
N PHE A 258 5.93 -5.96 -1.13
CA PHE A 258 7.26 -6.46 -0.82
C PHE A 258 7.38 -6.69 0.67
N TYR A 259 6.35 -7.30 1.25
CA TYR A 259 6.25 -7.59 2.63
C TYR A 259 5.15 -8.61 2.85
N GLY A 260 5.06 -9.08 4.07
CA GLY A 260 4.03 -9.99 4.49
C GLY A 260 3.38 -9.52 5.78
N ARG A 261 2.27 -10.18 6.13
CA ARG A 261 1.67 -9.98 7.46
C ARG A 261 1.31 -11.29 8.15
N VAL A 262 1.59 -11.37 9.47
CA VAL A 262 1.07 -12.45 10.29
C VAL A 262 -0.41 -12.17 10.37
N PRO A 263 -1.24 -13.12 9.94
CA PRO A 263 -2.68 -12.76 9.95
C PRO A 263 -3.18 -12.55 11.35
N LYS A 264 -4.15 -11.65 11.52
CA LYS A 264 -4.73 -11.41 12.83
C LYS A 264 -5.44 -12.67 13.31
N ARG A 265 -5.88 -13.51 12.39
CA ARG A 265 -6.52 -14.77 12.78
C ARG A 265 -5.64 -15.68 13.64
N ALA A 266 -4.33 -15.49 13.56
CA ALA A 266 -3.45 -16.30 14.37
C ALA A 266 -3.56 -15.88 15.85
N THR A 267 -3.84 -14.63 16.13
CA THR A 267 -3.81 -14.11 17.49
C THR A 267 -5.11 -13.53 18.06
N GLU A 268 -6.12 -13.30 17.24
CA GLU A 268 -7.37 -12.71 17.65
C GLU A 268 -8.57 -13.48 17.09
N PRO A 269 -9.59 -13.62 17.90
CA PRO A 269 -10.77 -14.26 17.39
C PRO A 269 -11.31 -13.54 16.16
N GLY A 270 -11.78 -14.31 15.23
CA GLY A 270 -12.32 -13.81 13.99
C GLY A 270 -13.85 -13.72 14.07
N ILE A 271 -14.37 -12.51 13.96
CA ILE A 271 -15.80 -12.25 14.00
C ILE A 271 -16.43 -12.14 12.60
N ASP A 272 -17.54 -12.87 12.37
CA ASP A 272 -18.39 -12.68 11.21
C ASP A 272 -19.62 -11.88 11.63
N TRP A 273 -19.60 -10.61 11.31
CA TRP A 273 -20.67 -9.66 11.71
C TRP A 273 -22.02 -9.91 11.04
N ASP A 274 -22.08 -10.73 10.00
CA ASP A 274 -23.38 -11.25 9.48
C ASP A 274 -23.97 -12.32 10.36
N LYS A 275 -23.27 -12.79 11.38
CA LYS A 275 -23.86 -13.80 12.25
C LYS A 275 -24.58 -13.19 13.48
N ALA A 276 -25.57 -13.96 13.93
CA ALA A 276 -26.27 -13.77 15.21
C ALA A 276 -25.31 -13.66 16.38
N ASP A 277 -25.45 -12.55 17.11
CA ASP A 277 -24.68 -12.30 18.32
C ASP A 277 -23.16 -12.52 18.01
N ALA A 278 -22.65 -11.71 17.06
CA ALA A 278 -21.38 -12.00 16.37
C ALA A 278 -20.18 -11.97 17.33
N ALA A 279 -20.06 -10.92 18.13
CA ALA A 279 -18.91 -10.80 19.01
C ALA A 279 -18.77 -11.99 20.04
N LYS A 280 -19.84 -12.71 20.37
CA LYS A 280 -19.75 -13.86 21.31
C LYS A 280 -19.68 -15.23 20.64
N ASN A 281 -19.70 -15.26 19.31
CA ASN A 281 -19.66 -16.50 18.60
C ASN A 281 -18.69 -16.30 17.47
N PRO A 282 -17.38 -16.20 17.79
CA PRO A 282 -16.39 -15.99 16.71
C PRO A 282 -16.31 -17.19 15.84
N VAL A 283 -16.12 -16.97 14.55
CA VAL A 283 -16.11 -17.99 13.57
C VAL A 283 -14.70 -18.53 13.31
N THR A 284 -13.69 -17.79 13.79
CA THR A 284 -12.35 -18.37 13.91
C THR A 284 -11.77 -18.12 15.31
N GLN A 285 -10.83 -18.94 15.72
CA GLN A 285 -10.12 -18.71 17.00
C GLN A 285 -8.59 -18.66 16.79
N PRO A 286 -7.91 -17.98 17.69
CA PRO A 286 -6.44 -17.83 17.57
C PRO A 286 -5.80 -19.19 17.72
N TYR A 287 -4.80 -19.46 16.91
CA TYR A 287 -4.11 -20.70 16.92
C TYR A 287 -2.64 -20.50 17.33
N PHE A 288 -2.16 -19.27 17.47
CA PHE A 288 -0.89 -19.01 18.13
C PHE A 288 -1.06 -19.02 19.63
N THR A 289 -0.06 -19.57 20.32
CA THR A 289 0.01 -19.52 21.77
C THR A 289 1.18 -18.64 22.07
N ALA A 290 1.51 -18.52 23.35
CA ALA A 290 2.68 -17.72 23.79
C ALA A 290 3.95 -18.19 23.13
N ARG A 291 3.99 -19.48 22.80
CA ARG A 291 5.16 -20.07 22.15
C ARG A 291 5.43 -19.49 20.80
N GLU A 292 4.39 -19.38 19.97
CA GLU A 292 4.54 -18.71 18.63
C GLU A 292 4.69 -17.22 18.70
N THR A 293 3.94 -16.57 19.56
CA THR A 293 4.06 -15.08 19.67
C THR A 293 5.44 -14.67 20.19
N ALA A 294 6.01 -15.48 21.08
CA ALA A 294 7.39 -15.23 21.60
C ALA A 294 8.47 -15.27 20.51
N VAL A 295 8.33 -16.18 19.55
CA VAL A 295 9.23 -16.24 18.45
C VAL A 295 9.20 -14.91 17.67
N PHE A 296 8.02 -14.44 17.33
CA PHE A 296 7.91 -13.21 16.56
C PHE A 296 8.41 -12.01 17.40
N LYS A 297 8.07 -12.01 18.68
CA LYS A 297 8.44 -10.92 19.54
C LYS A 297 9.96 -10.89 19.57
N ALA A 298 10.59 -12.04 19.63
CA ALA A 298 12.05 -12.08 19.72
C ALA A 298 12.65 -11.51 18.49
N MET A 299 11.96 -11.63 17.35
CA MET A 299 12.40 -10.99 16.11
C MET A 299 12.07 -9.51 15.96
N GLY A 300 11.54 -8.89 17.01
CA GLY A 300 11.18 -7.52 17.00
C GLY A 300 9.79 -7.28 16.46
N LEU A 301 9.00 -8.33 16.19
CA LEU A 301 7.56 -8.13 15.87
C LEU A 301 6.64 -8.41 17.07
N ASP A 302 6.05 -7.36 17.63
CA ASP A 302 5.11 -7.50 18.73
C ASP A 302 3.75 -7.64 18.11
N LEU A 303 3.26 -8.85 18.05
CA LEU A 303 1.99 -9.13 17.42
C LEU A 303 0.77 -8.46 18.10
N THR A 304 0.92 -7.95 19.32
CA THR A 304 -0.19 -7.15 19.89
C THR A 304 -0.23 -5.79 19.23
N LYS A 305 0.86 -5.38 18.57
CA LYS A 305 0.91 -4.06 17.95
C LYS A 305 0.87 -4.04 16.42
N ASP A 306 1.73 -4.82 15.78
CA ASP A 306 1.80 -4.83 14.31
C ASP A 306 2.09 -6.20 13.72
N SER A 307 1.55 -6.46 12.54
CA SER A 307 1.78 -7.70 11.81
C SER A 307 2.72 -7.55 10.62
N TYR A 308 3.30 -6.37 10.43
CA TYR A 308 4.09 -6.10 9.23
C TYR A 308 5.51 -6.71 9.29
N PHE A 309 5.88 -7.43 8.22
CA PHE A 309 7.20 -8.03 8.11
C PHE A 309 7.76 -7.78 6.70
N LYS A 310 8.82 -7.00 6.63
CA LYS A 310 9.46 -6.71 5.41
C LYS A 310 9.90 -7.99 4.71
N TYR A 311 9.78 -8.00 3.38
CA TYR A 311 10.35 -9.14 2.58
C TYR A 311 11.81 -9.47 2.93
N ASN A 312 12.69 -8.50 3.01
CA ASN A 312 14.08 -8.85 3.29
C ASN A 312 14.25 -9.50 4.64
N ASP A 313 13.43 -9.09 5.61
CA ASP A 313 13.42 -9.74 6.93
C ASP A 313 12.72 -11.14 6.93
N ILE A 314 11.71 -11.33 6.07
CA ILE A 314 11.19 -12.66 5.85
C ILE A 314 12.31 -13.62 5.39
N VAL A 315 13.08 -13.15 4.42
CA VAL A 315 14.19 -13.92 3.92
C VAL A 315 15.20 -14.19 4.99
N SER A 316 15.70 -13.14 5.61
CA SER A 316 16.84 -13.31 6.51
C SER A 316 16.41 -13.93 7.85
N LYS A 317 15.25 -13.54 8.40
CA LYS A 317 14.83 -14.03 9.69
C LYS A 317 13.92 -15.28 9.77
N LEU A 318 13.04 -15.49 8.77
CA LEU A 318 12.11 -16.56 8.77
C LEU A 318 12.59 -17.66 7.86
N LEU A 319 12.75 -17.42 6.56
CA LEU A 319 13.22 -18.48 5.71
C LEU A 319 14.56 -18.99 6.16
N ASN A 320 15.46 -18.07 6.57
CA ASN A 320 16.81 -18.46 6.99
C ASN A 320 17.02 -18.47 8.46
N ASP A 321 15.93 -18.64 9.19
CA ASP A 321 15.97 -18.89 10.64
C ASP A 321 16.98 -19.99 10.92
N PRO A 322 18.03 -19.72 11.70
CA PRO A 322 18.97 -20.83 11.99
C PRO A 322 18.35 -22.06 12.61
N GLN A 323 17.33 -21.87 13.45
CA GLN A 323 16.68 -23.01 14.11
C GLN A 323 15.65 -23.65 13.20
N ARG A 324 15.51 -23.16 11.94
CA ARG A 324 14.66 -23.86 10.96
C ARG A 324 13.20 -23.98 11.40
N ARG A 325 12.70 -22.96 12.09
CA ARG A 325 11.35 -22.99 12.65
C ARG A 325 10.22 -22.75 11.61
N PHE A 326 10.58 -22.25 10.43
CA PHE A 326 9.60 -21.87 9.42
C PHE A 326 9.77 -22.69 8.17
N THR A 327 8.64 -23.21 7.64
CA THR A 327 8.67 -24.06 6.44
C THR A 327 7.96 -23.33 5.33
N ALA A 328 8.57 -23.26 4.16
CA ALA A 328 8.00 -22.51 3.07
C ALA A 328 7.06 -23.37 2.24
N HIS A 329 5.97 -22.79 1.79
CA HIS A 329 4.95 -23.49 1.01
C HIS A 329 4.48 -22.59 -0.07
N TRP A 330 3.79 -23.19 -1.01
CA TRP A 330 3.13 -22.50 -2.13
C TRP A 330 1.64 -22.77 -2.11
N ASP A 331 0.82 -21.72 -2.16
CA ASP A 331 -0.62 -21.94 -2.30
C ASP A 331 -0.93 -21.85 -3.76
N SER A 332 -1.32 -22.98 -4.36
CA SER A 332 -1.58 -23.06 -5.84
CA SER A 332 -1.57 -23.06 -5.80
C SER A 332 -2.75 -22.20 -6.32
N ASP A 333 -3.77 -21.99 -5.50
CA ASP A 333 -4.95 -21.24 -5.91
C ASP A 333 -4.68 -19.77 -5.69
N ALA A 334 -4.08 -19.41 -4.56
CA ALA A 334 -3.87 -18.00 -4.25
C ALA A 334 -2.69 -17.42 -5.03
N GLN A 335 -1.79 -18.32 -5.46
CA GLN A 335 -0.62 -17.97 -6.31
C GLN A 335 0.42 -17.11 -5.54
N VAL A 336 0.57 -17.43 -4.26
CA VAL A 336 1.56 -16.77 -3.41
C VAL A 336 2.14 -17.80 -2.44
N PRO A 337 3.35 -17.50 -1.93
CA PRO A 337 3.96 -18.34 -0.94
C PRO A 337 3.44 -18.03 0.48
N TYR A 338 3.58 -18.98 1.36
CA TYR A 338 3.34 -18.71 2.74
C TYR A 338 4.26 -19.59 3.58
N LEU A 339 4.45 -19.23 4.84
CA LEU A 339 5.17 -20.05 5.79
C LEU A 339 4.28 -20.61 6.83
N THR A 340 4.63 -21.82 7.29
CA THR A 340 4.12 -22.39 8.49
C THR A 340 5.20 -22.54 9.53
N MET A 341 4.78 -22.56 10.78
CA MET A 341 5.64 -22.92 11.89
C MET A 341 4.96 -24.11 12.55
N LYS A 342 5.76 -25.00 13.13
CA LYS A 342 5.22 -26.20 13.77
C LYS A 342 4.73 -25.94 15.18
N SER A 343 3.47 -26.21 15.48
CA SER A 343 3.03 -26.15 16.90
C SER A 343 3.81 -27.14 17.72
N ALA A 344 3.80 -26.96 19.02
CA ALA A 344 4.30 -28.01 19.95
C ALA A 344 3.71 -29.39 19.66
N GLU A 345 2.44 -29.44 19.24
CA GLU A 345 1.79 -30.71 18.92
C GLU A 345 2.27 -31.33 17.60
N GLY A 346 3.00 -30.57 16.76
CA GLY A 346 3.54 -31.06 15.48
C GLY A 346 2.72 -30.65 14.29
N LYS A 347 1.75 -29.75 14.44
CA LYS A 347 0.83 -29.37 13.34
C LYS A 347 1.37 -28.05 12.71
N PRO A 348 1.40 -27.93 11.37
CA PRO A 348 1.73 -26.65 10.71
C PRO A 348 0.75 -25.57 11.03
N LEU A 349 1.25 -24.47 11.53
CA LEU A 349 0.41 -23.30 11.84
C LEU A 349 0.74 -22.24 10.80
N PHE A 350 -0.29 -21.64 10.19
CA PHE A 350 -0.09 -20.64 9.15
C PHE A 350 0.50 -19.36 9.77
N ALA A 351 1.74 -19.04 9.43
CA ALA A 351 2.42 -17.93 10.06
C ALA A 351 2.38 -16.61 9.29
N ILE A 352 2.52 -16.64 7.98
CA ILE A 352 2.65 -15.43 7.19
C ILE A 352 2.58 -15.75 5.73
N SER A 353 1.87 -14.92 4.96
CA SER A 353 2.01 -14.96 3.48
C SER A 353 2.67 -13.69 3.01
N TYR A 354 3.27 -13.77 1.83
CA TYR A 354 4.07 -12.70 1.33
C TYR A 354 4.18 -12.88 -0.18
N GLU A 355 5.14 -12.21 -0.79
CA GLU A 355 5.42 -12.33 -2.22
C GLU A 355 6.90 -12.70 -2.42
N ASN A 356 7.15 -13.63 -3.34
CA ASN A 356 8.49 -14.01 -3.75
C ASN A 356 8.57 -13.84 -5.24
N PRO A 357 9.72 -14.12 -5.87
CA PRO A 357 9.88 -13.88 -7.32
C PRO A 357 8.85 -14.54 -8.17
N ARG A 358 8.53 -15.78 -7.82
CA ARG A 358 7.51 -16.53 -8.53
C ARG A 358 6.14 -15.81 -8.49
N SER A 359 5.72 -15.39 -7.30
CA SER A 359 4.40 -14.79 -7.14
C SER A 359 4.36 -13.42 -7.78
N VAL A 360 5.47 -12.69 -7.73
CA VAL A 360 5.57 -11.36 -8.39
C VAL A 360 5.41 -11.58 -9.89
N ALA A 361 6.04 -12.61 -10.41
CA ALA A 361 6.01 -12.84 -11.84
C ALA A 361 4.61 -13.26 -12.24
N LEU A 362 3.93 -14.04 -11.38
CA LEU A 362 2.55 -14.39 -11.67
C LEU A 362 1.65 -13.18 -11.66
N LYS A 363 1.94 -12.18 -10.79
CA LYS A 363 1.11 -11.01 -10.76
C LYS A 363 1.38 -10.17 -11.99
N ALA A 364 2.60 -10.21 -12.45
CA ALA A 364 2.90 -9.57 -13.72
C ALA A 364 2.13 -10.23 -14.86
N ASP A 365 2.09 -11.54 -14.88
CA ASP A 365 1.38 -12.24 -15.94
C ASP A 365 -0.07 -11.85 -15.91
N TYR A 366 -0.63 -11.73 -14.70
CA TYR A 366 -2.01 -11.26 -14.50
C TYR A 366 -2.16 -9.82 -15.00
N ILE A 367 -1.19 -8.96 -14.70
CA ILE A 367 -1.29 -7.61 -15.26
C ILE A 367 -1.42 -7.66 -16.78
N LYS A 368 -0.59 -8.46 -17.44
CA LYS A 368 -0.57 -8.56 -18.89
C LYS A 368 -1.89 -9.14 -19.40
N SER A 369 -2.42 -10.23 -18.81
CA SER A 369 -3.66 -10.77 -19.34
C SER A 369 -4.89 -9.95 -19.02
N LYS A 370 -4.94 -9.31 -17.85
CA LYS A 370 -6.06 -8.47 -17.47
C LYS A 370 -6.00 -7.13 -18.22
N GLY A 371 -4.89 -6.83 -18.88
CA GLY A 371 -4.72 -5.55 -19.55
C GLY A 371 -4.56 -4.35 -18.58
N LEU A 372 -3.93 -4.55 -17.44
CA LEU A 372 -3.69 -3.42 -16.52
C LEU A 372 -2.56 -2.60 -17.05
N GLY A 373 -2.38 -1.38 -16.50
CA GLY A 373 -1.38 -0.44 -17.00
C GLY A 373 0.02 -0.78 -16.49
N GLY A 374 0.13 -1.55 -15.41
CA GLY A 374 1.40 -1.74 -14.77
C GLY A 374 1.26 -2.27 -13.38
N ALA A 375 2.41 -2.28 -12.70
CA ALA A 375 2.49 -2.69 -11.29
C ALA A 375 2.86 -1.51 -10.46
N MET A 376 2.48 -1.55 -9.19
CA MET A 376 3.04 -0.62 -8.23
C MET A 376 3.46 -1.50 -7.07
N PHE A 377 4.39 -1.07 -6.23
CA PHE A 377 4.68 -1.89 -5.07
C PHE A 377 4.96 -1.12 -3.85
N TRP A 378 4.61 -1.72 -2.72
CA TRP A 378 4.96 -1.19 -1.40
C TRP A 378 5.85 -2.17 -0.72
N GLU A 379 7.14 -1.84 -0.43
CA GLU A 379 7.82 -0.61 -0.79
C GLU A 379 9.32 -0.97 -0.96
N TYR A 380 10.04 -0.13 -1.69
CA TYR A 380 11.32 -0.55 -2.23
C TYR A 380 12.36 -0.86 -1.17
N GLY A 381 12.23 -0.19 -0.01
CA GLY A 381 13.16 -0.32 1.10
C GLY A 381 13.08 -1.74 1.68
N ALA A 382 12.02 -2.50 1.38
CA ALA A 382 11.80 -3.82 1.96
C ALA A 382 12.22 -4.91 1.04
N ASP A 383 12.64 -4.57 -0.15
CA ASP A 383 13.10 -5.54 -1.10
C ASP A 383 14.42 -6.15 -0.58
N ASP A 384 14.80 -7.30 -1.15
CA ASP A 384 16.01 -8.01 -0.78
C ASP A 384 16.97 -7.89 -1.95
N ASN A 385 17.93 -6.99 -1.83
CA ASN A 385 18.85 -6.73 -2.93
C ASN A 385 18.18 -6.41 -4.27
N ASN A 386 17.02 -5.74 -4.19
CA ASN A 386 16.29 -5.29 -5.33
C ASN A 386 15.79 -6.44 -6.20
N ARG A 387 15.69 -7.64 -5.62
CA ARG A 387 15.29 -8.83 -6.38
C ARG A 387 13.82 -8.80 -6.81
N LEU A 388 12.90 -8.43 -5.93
CA LEU A 388 11.51 -8.45 -6.39
C LEU A 388 11.20 -7.41 -7.47
N ALA A 389 11.82 -6.25 -7.35
CA ALA A 389 11.69 -5.19 -8.33
C ALA A 389 12.28 -5.63 -9.63
N HIS A 390 13.42 -6.27 -9.54
CA HIS A 390 14.09 -6.82 -10.72
C HIS A 390 13.16 -7.83 -11.39
N GLN A 391 12.50 -8.66 -10.58
CA GLN A 391 11.60 -9.63 -11.15
C GLN A 391 10.47 -8.96 -11.95
N LEU A 392 9.90 -7.96 -11.36
CA LEU A 392 8.81 -7.26 -11.93
C LEU A 392 9.27 -6.63 -13.25
N ALA A 393 10.46 -6.05 -13.26
CA ALA A 393 11.01 -5.36 -14.41
C ALA A 393 11.18 -6.35 -15.51
N GLU A 394 11.69 -7.53 -15.14
CA GLU A 394 11.90 -8.61 -16.11
C GLU A 394 10.58 -9.11 -16.64
N SER A 395 9.64 -9.43 -15.74
CA SER A 395 8.38 -9.97 -16.18
C SER A 395 7.52 -9.01 -17.02
N LEU A 396 7.66 -7.70 -16.79
CA LEU A 396 6.87 -6.67 -17.47
C LEU A 396 7.64 -6.09 -18.66
N GLY A 397 8.90 -6.52 -18.83
CA GLY A 397 9.75 -6.02 -19.94
C GLY A 397 10.00 -4.51 -19.84
N ILE A 398 10.22 -4.03 -18.64
CA ILE A 398 10.28 -2.59 -18.38
C ILE A 398 11.42 -1.95 -19.21
#